data_1ZQ9
#
_entry.id   1ZQ9
#
_cell.length_a   39.629
_cell.length_b   185.243
_cell.length_c   45.072
_cell.angle_alpha   90.00
_cell.angle_beta   91.30
_cell.angle_gamma   90.00
#
_symmetry.space_group_name_H-M   'P 1 21 1'
#
loop_
_entity.id
_entity.type
_entity.pdbx_description
1 polymer 'Probable dimethyladenosine transferase'
2 non-polymer S-ADENOSYLMETHIONINE
3 water water
#
_entity_poly.entity_id   1
_entity_poly.type   'polypeptide(L)'
_entity_poly.pdbx_seq_one_letter_code
;GSNTGIGQHILKNPLIINSIIDKAALRPTDVVLEVGPGTGNMTVKLLEKAKKVVACELDPRLVAELHKRVQGTPVASKLQ
VLVGDVLKTDLPFFDTCVANLPYQISSPFVFKLLLHRPFFRCAILMFQREFALRLVAKPGDKLYCRLSINTQLLARVDHL
MKVGKNNFRPPPKVESSVVRIEPKNPPPPINFQEWDGLVRITFVRKNKTLSAAFKSSAVQQLLEKNYRIHCSVHNIIIPE
DFSIADKIQQILTSTGFSDKRARSMDIDDFIRLLHGFNAEGIHFS
;
_entity_poly.pdbx_strand_id   A,B
#
loop_
_chem_comp.id
_chem_comp.type
_chem_comp.name
_chem_comp.formula
SAM non-polymer S-ADENOSYLMETHIONINE 'C15 H22 N6 O5 S'
#
# COMPACT_ATOMS: atom_id res chain seq x y z
N GLN A 8 17.04 -6.34 33.72
CA GLN A 8 17.35 -7.79 33.93
C GLN A 8 16.13 -8.57 34.45
N HIS A 9 15.34 -9.07 33.52
CA HIS A 9 14.15 -9.84 33.84
C HIS A 9 14.45 -11.31 33.61
N ILE A 10 14.57 -12.06 34.71
CA ILE A 10 14.98 -13.44 34.70
C ILE A 10 13.80 -14.34 34.39
N LEU A 11 13.89 -15.09 33.29
CA LEU A 11 12.87 -16.09 32.98
C LEU A 11 12.96 -17.19 34.01
N LYS A 12 11.82 -17.44 34.67
CA LYS A 12 11.80 -18.31 35.85
C LYS A 12 10.75 -19.41 35.78
N ASN A 13 9.95 -19.45 34.72
CA ASN A 13 8.94 -20.50 34.58
C ASN A 13 9.57 -21.68 33.84
N PRO A 14 9.70 -22.84 34.55
CA PRO A 14 10.36 -24.00 33.94
C PRO A 14 9.65 -24.50 32.67
N LEU A 15 8.34 -24.37 32.59
CA LEU A 15 7.62 -24.86 31.43
C LEU A 15 7.93 -24.05 30.19
N ILE A 16 7.99 -22.72 30.36
CA ILE A 16 8.32 -21.86 29.23
C ILE A 16 9.76 -22.14 28.80
N ILE A 17 10.69 -22.23 29.76
CA ILE A 17 12.08 -22.60 29.46
C ILE A 17 12.20 -23.91 28.65
N ASN A 18 11.54 -24.98 29.11
CA ASN A 18 11.51 -26.25 28.39
C ASN A 18 10.94 -26.11 26.97
N SER A 19 9.90 -25.29 26.80
CA SER A 19 9.33 -25.09 25.47
C SER A 19 10.27 -24.35 24.53
N ILE A 20 10.91 -23.31 25.05
CA ILE A 20 11.92 -22.60 24.28
C ILE A 20 13.04 -23.53 23.82
N ILE A 21 13.56 -24.34 24.75
CA ILE A 21 14.62 -25.27 24.40
C ILE A 21 14.12 -26.28 23.37
N ASP A 22 12.90 -26.80 23.55
CA ASP A 22 12.33 -27.70 22.54
C ASP A 22 12.25 -27.07 21.15
N LYS A 23 11.81 -25.82 21.11
CA LYS A 23 11.67 -25.11 19.83
C LYS A 23 13.01 -24.91 19.15
N ALA A 24 14.10 -24.93 19.90
CA ALA A 24 15.41 -24.82 19.28
C ALA A 24 15.85 -26.09 18.53
N ALA A 25 15.17 -27.21 18.78
CA ALA A 25 15.49 -28.50 18.14
C ALA A 25 16.99 -28.77 18.15
N LEU A 26 17.54 -28.85 19.35
CA LEU A 26 18.96 -29.03 19.53
C LEU A 26 19.40 -30.40 19.04
N ARG A 27 20.64 -30.45 18.57
CA ARG A 27 21.30 -31.68 18.27
C ARG A 27 22.46 -31.84 19.21
N PRO A 28 22.82 -33.11 19.55
CA PRO A 28 23.87 -33.32 20.56
C PRO A 28 25.22 -32.77 20.15
N THR A 29 25.40 -32.52 18.86
CA THR A 29 26.68 -32.01 18.35
C THR A 29 26.67 -30.48 18.23
N ASP A 30 25.52 -29.84 18.48
CA ASP A 30 25.39 -28.37 18.34
C ASP A 30 26.29 -27.56 19.26
N VAL A 31 26.84 -26.46 18.73
CA VAL A 31 27.28 -25.36 19.59
C VAL A 31 26.09 -24.39 19.72
N VAL A 32 25.72 -24.07 20.96
CA VAL A 32 24.58 -23.19 21.22
C VAL A 32 25.11 -21.86 21.69
N LEU A 33 24.74 -20.78 21.01
CA LEU A 33 24.99 -19.42 21.56
C LEU A 33 23.85 -19.01 22.46
N GLU A 34 24.15 -18.82 23.74
CA GLU A 34 23.16 -18.25 24.67
C GLU A 34 23.51 -16.80 25.00
N VAL A 35 22.60 -15.90 24.64
CA VAL A 35 22.87 -14.48 24.85
C VAL A 35 21.96 -14.03 25.98
N GLY A 36 22.56 -13.44 27.01
CA GLY A 36 21.81 -12.99 28.20
C GLY A 36 21.39 -14.16 29.09
N PRO A 37 22.37 -14.96 29.56
CA PRO A 37 22.03 -16.18 30.32
C PRO A 37 21.37 -15.90 31.70
N GLY A 38 21.36 -14.64 32.16
CA GLY A 38 20.83 -14.29 33.48
C GLY A 38 21.49 -15.09 34.61
N THR A 39 20.68 -15.82 35.36
CA THR A 39 21.19 -16.68 36.45
C THR A 39 21.51 -18.13 35.98
N GLY A 40 21.32 -18.38 34.70
CA GLY A 40 21.65 -19.69 34.12
C GLY A 40 20.56 -20.74 34.14
N ASN A 41 19.30 -20.33 34.36
CA ASN A 41 18.16 -21.26 34.37
C ASN A 41 18.01 -22.07 33.10
N MET A 42 18.28 -21.43 31.97
CA MET A 42 18.27 -22.11 30.68
C MET A 42 19.64 -22.74 30.43
N THR A 43 20.72 -22.09 30.85
CA THR A 43 22.08 -22.53 30.52
C THR A 43 22.28 -23.97 31.00
N VAL A 44 21.82 -24.28 32.21
CA VAL A 44 22.09 -25.59 32.81
C VAL A 44 21.39 -26.72 32.04
N LYS A 45 20.24 -26.41 31.44
CA LYS A 45 19.50 -27.38 30.64
C LYS A 45 20.08 -27.52 29.25
N LEU A 46 20.48 -26.37 28.67
CA LEU A 46 21.15 -26.38 27.36
C LEU A 46 22.43 -27.22 27.40
N LEU A 47 23.16 -27.12 28.50
CA LEU A 47 24.45 -27.82 28.65
C LEU A 47 24.30 -29.34 28.63
N GLU A 48 23.13 -29.84 28.99
CA GLU A 48 22.88 -31.28 28.95
C GLU A 48 22.52 -31.82 27.58
N LYS A 49 22.17 -30.92 26.66
CA LYS A 49 21.65 -31.29 25.35
C LYS A 49 22.59 -31.02 24.16
N ALA A 50 23.61 -30.19 24.37
CA ALA A 50 24.45 -29.75 23.28
C ALA A 50 25.88 -30.07 23.62
N LYS A 51 26.75 -29.97 22.63
CA LYS A 51 28.18 -30.25 22.81
C LYS A 51 28.89 -29.10 23.49
N LYS A 52 28.40 -27.89 23.24
CA LYS A 52 28.99 -26.70 23.83
C LYS A 52 27.95 -25.58 23.92
N VAL A 53 28.02 -24.83 25.02
CA VAL A 53 27.25 -23.60 25.21
C VAL A 53 28.22 -22.44 25.36
N VAL A 54 28.06 -21.45 24.48
CA VAL A 54 28.81 -20.25 24.54
C VAL A 54 27.82 -19.20 25.04
N ALA A 55 27.96 -18.85 26.33
CA ALA A 55 27.09 -17.87 26.97
C ALA A 55 27.73 -16.49 26.88
N CYS A 56 26.97 -15.52 26.37
CA CYS A 56 27.45 -14.16 26.19
C CYS A 56 26.74 -13.28 27.20
N GLU A 57 27.51 -12.68 28.10
CA GLU A 57 26.97 -11.98 29.27
C GLU A 57 27.75 -10.69 29.57
N LEU A 58 27.01 -9.58 29.70
CA LEU A 58 27.57 -8.25 29.91
C LEU A 58 28.16 -8.07 31.31
N ASP A 59 27.39 -8.52 32.30
CA ASP A 59 27.66 -8.25 33.73
C ASP A 59 28.67 -9.27 34.28
N PRO A 60 29.89 -8.81 34.65
CA PRO A 60 30.87 -9.72 35.27
C PRO A 60 30.36 -10.49 36.52
N ARG A 61 29.49 -9.89 37.32
CA ARG A 61 28.96 -10.61 38.50
C ARG A 61 28.13 -11.81 38.06
N LEU A 62 27.34 -11.65 36.99
CA LEU A 62 26.50 -12.75 36.53
C LEU A 62 27.37 -13.82 35.86
N VAL A 63 28.46 -13.40 35.22
CA VAL A 63 29.47 -14.36 34.71
C VAL A 63 30.06 -15.24 35.82
N ALA A 64 30.57 -14.61 36.88
CA ALA A 64 31.15 -15.35 38.01
C ALA A 64 30.15 -16.32 38.61
N GLU A 65 28.92 -15.86 38.81
CA GLU A 65 27.85 -16.71 39.34
C GLU A 65 27.44 -17.89 38.43
N LEU A 66 27.52 -17.69 37.12
CA LEU A 66 27.24 -18.76 36.15
C LEU A 66 28.28 -19.88 36.25
N HIS A 67 29.56 -19.50 36.25
CA HIS A 67 30.65 -20.43 36.52
C HIS A 67 30.42 -21.21 37.81
N LYS A 68 30.00 -20.53 38.88
CA LYS A 68 29.73 -21.16 40.19
C LYS A 68 28.57 -22.16 40.11
N ARG A 69 27.54 -21.79 39.35
CA ARG A 69 26.35 -22.65 39.19
C ARG A 69 26.68 -24.00 38.54
N VAL A 70 27.60 -24.01 37.58
CA VAL A 70 27.96 -25.26 36.92
C VAL A 70 29.15 -25.99 37.55
N GLN A 71 29.84 -25.31 38.46
CA GLN A 71 31.03 -25.86 39.11
C GLN A 71 30.68 -27.17 39.79
N GLY A 72 31.52 -28.17 39.60
CA GLY A 72 31.33 -29.46 40.26
C GLY A 72 30.33 -30.37 39.57
N THR A 73 29.72 -29.91 38.45
CA THR A 73 28.81 -30.76 37.66
C THR A 73 29.55 -31.36 36.44
N PRO A 74 29.08 -32.53 35.96
CA PRO A 74 29.71 -33.22 34.83
C PRO A 74 29.71 -32.43 33.54
N VAL A 75 28.82 -31.45 33.41
CA VAL A 75 28.69 -30.65 32.18
C VAL A 75 29.45 -29.32 32.19
N ALA A 76 30.13 -29.00 33.29
CA ALA A 76 30.78 -27.70 33.49
C ALA A 76 31.75 -27.40 32.36
N SER A 77 32.46 -28.40 31.88
CA SER A 77 33.49 -28.14 30.89
C SER A 77 32.94 -27.81 29.50
N LYS A 78 31.62 -27.96 29.31
CA LYS A 78 31.00 -27.64 28.02
C LYS A 78 30.56 -26.18 27.96
N LEU A 79 30.84 -25.42 29.01
CA LEU A 79 30.42 -24.03 29.08
C LEU A 79 31.62 -23.12 28.82
N GLN A 80 31.48 -22.26 27.80
CA GLN A 80 32.32 -21.06 27.68
C GLN A 80 31.49 -19.79 27.91
N VAL A 81 31.97 -18.91 28.80
CA VAL A 81 31.30 -17.63 29.05
C VAL A 81 32.11 -16.48 28.44
N LEU A 82 31.52 -15.83 27.45
CA LEU A 82 32.13 -14.67 26.83
C LEU A 82 31.64 -13.41 27.54
N VAL A 83 32.57 -12.62 28.09
CA VAL A 83 32.22 -11.50 28.97
C VAL A 83 32.16 -10.20 28.14
N GLY A 84 31.07 -9.46 28.26
CA GLY A 84 31.02 -8.15 27.63
C GLY A 84 29.77 -7.94 26.82
N ASP A 85 29.71 -6.77 26.17
CA ASP A 85 28.64 -6.43 25.25
C ASP A 85 28.67 -7.32 23.97
N VAL A 86 27.66 -8.18 23.83
CA VAL A 86 27.51 -9.07 22.67
C VAL A 86 27.59 -8.33 21.33
N LEU A 87 27.12 -7.09 21.29
CA LEU A 87 27.11 -6.30 20.05
C LEU A 87 28.52 -5.95 19.58
N LYS A 88 29.46 -5.89 20.52
CA LYS A 88 30.86 -5.67 20.16
C LYS A 88 31.66 -6.97 19.94
N THR A 89 31.12 -8.10 20.40
CA THR A 89 31.83 -9.39 20.33
C THR A 89 31.91 -9.90 18.87
N ASP A 90 33.06 -10.42 18.47
CA ASP A 90 33.15 -11.20 17.22
C ASP A 90 32.64 -12.61 17.53
N LEU A 91 31.43 -12.92 17.08
CA LEU A 91 30.75 -14.16 17.46
C LEU A 91 31.38 -15.39 16.80
N PRO A 92 31.55 -16.49 17.59
CA PRO A 92 32.13 -17.73 17.11
C PRO A 92 31.16 -18.45 16.17
N PHE A 93 31.59 -19.56 15.58
CA PHE A 93 30.61 -20.39 14.92
C PHE A 93 29.61 -20.89 16.00
N PHE A 94 28.31 -20.87 15.68
CA PHE A 94 27.31 -21.57 16.49
C PHE A 94 26.21 -22.10 15.57
N ASP A 95 25.57 -23.20 16.00
CA ASP A 95 24.50 -23.88 15.25
C ASP A 95 23.14 -23.27 15.58
N THR A 96 22.91 -23.02 16.87
CA THR A 96 21.64 -22.46 17.32
C THR A 96 21.91 -21.40 18.36
N CYS A 97 20.96 -20.50 18.49
CA CYS A 97 21.05 -19.40 19.45
C CYS A 97 19.75 -19.37 20.23
N VAL A 98 19.85 -19.26 21.56
CA VAL A 98 18.71 -18.89 22.41
C VAL A 98 19.11 -17.59 23.11
N ALA A 99 18.16 -16.68 23.23
CA ALA A 99 18.48 -15.34 23.73
C ALA A 99 17.32 -14.70 24.47
N ASN A 100 17.67 -13.99 25.53
CA ASN A 100 16.72 -13.26 26.34
C ASN A 100 17.46 -11.97 26.63
N LEU A 101 17.37 -11.01 25.72
CA LEU A 101 18.12 -9.77 25.87
C LEU A 101 17.16 -8.64 26.20
N PRO A 102 17.66 -7.56 26.84
CA PRO A 102 16.84 -6.38 27.10
C PRO A 102 16.31 -5.79 25.79
N TYR A 103 15.13 -5.17 25.83
CA TYR A 103 14.57 -4.54 24.66
C TYR A 103 15.52 -3.55 24.00
N GLN A 104 16.36 -2.90 24.81
CA GLN A 104 17.26 -1.85 24.32
C GLN A 104 18.15 -2.32 23.19
N ILE A 105 18.53 -3.58 23.20
CA ILE A 105 19.46 -4.09 22.19
C ILE A 105 18.82 -5.08 21.19
N SER A 106 17.49 -5.20 21.23
CA SER A 106 16.76 -6.13 20.35
C SER A 106 17.02 -5.87 18.86
N SER A 107 16.89 -4.63 18.42
CA SER A 107 17.09 -4.29 17.01
C SER A 107 18.53 -4.56 16.51
N PRO A 108 19.56 -3.98 17.17
CA PRO A 108 20.89 -4.22 16.68
C PRO A 108 21.27 -5.71 16.79
N PHE A 109 20.73 -6.43 17.77
CA PHE A 109 21.06 -7.86 17.84
C PHE A 109 20.48 -8.65 16.66
N VAL A 110 19.23 -8.34 16.27
CA VAL A 110 18.64 -9.01 15.10
C VAL A 110 19.53 -8.77 13.86
N PHE A 111 19.92 -7.52 13.63
CA PHE A 111 20.78 -7.24 12.47
C PHE A 111 22.11 -7.95 12.56
N LYS A 112 22.72 -7.97 13.74
CA LYS A 112 23.96 -8.73 13.94
C LYS A 112 23.77 -10.21 13.56
N LEU A 113 22.65 -10.79 14.00
CA LEU A 113 22.35 -12.19 13.70
C LEU A 113 22.18 -12.42 12.19
N LEU A 114 21.42 -11.53 11.54
CA LEU A 114 21.16 -11.66 10.09
C LEU A 114 22.42 -11.62 9.22
N LEU A 115 23.44 -10.90 9.66
CA LEU A 115 24.67 -10.78 8.87
C LEU A 115 25.79 -11.70 9.35
N HIS A 116 25.54 -12.45 10.42
CA HIS A 116 26.59 -13.27 11.01
C HIS A 116 26.99 -14.37 10.04
N ARG A 117 28.28 -14.65 9.94
CA ARG A 117 28.78 -15.83 9.19
C ARG A 117 29.78 -16.63 10.06
N PRO A 118 29.91 -17.96 9.80
CA PRO A 118 29.09 -18.79 8.91
C PRO A 118 27.66 -18.82 9.39
N PHE A 119 26.73 -19.15 8.50
CA PHE A 119 25.31 -19.25 8.90
C PHE A 119 25.03 -20.17 10.07
N PHE A 120 24.16 -19.71 10.96
CA PHE A 120 23.54 -20.56 11.96
C PHE A 120 22.24 -21.16 11.45
N ARG A 121 21.74 -22.18 12.12
CA ARG A 121 20.53 -22.90 11.75
C ARG A 121 19.21 -22.23 12.19
N CYS A 122 19.06 -21.95 13.48
CA CYS A 122 18.00 -21.08 13.93
C CYS A 122 18.32 -20.43 15.25
N ALA A 123 17.55 -19.39 15.54
CA ALA A 123 17.65 -18.65 16.77
C ALA A 123 16.26 -18.64 17.36
N ILE A 124 16.18 -18.87 18.67
CA ILE A 124 14.91 -18.80 19.40
C ILE A 124 15.07 -17.66 20.41
N LEU A 125 14.30 -16.59 20.22
CA LEU A 125 14.58 -15.33 20.86
C LEU A 125 13.39 -14.81 21.64
N MET A 126 13.64 -14.26 22.84
CA MET A 126 12.60 -13.57 23.62
C MET A 126 12.68 -12.07 23.39
N PHE A 127 11.54 -11.49 23.00
CA PHE A 127 11.42 -10.06 22.70
C PHE A 127 10.17 -9.50 23.35
N GLN A 128 10.07 -8.17 23.43
CA GLN A 128 8.83 -7.53 23.85
C GLN A 128 7.80 -7.86 22.80
N ARG A 129 6.53 -7.96 23.21
CA ARG A 129 5.47 -8.31 22.29
C ARG A 129 5.45 -7.42 21.02
N GLU A 130 5.55 -6.11 21.20
CA GLU A 130 5.43 -5.22 20.02
C GLU A 130 6.55 -5.46 19.02
N PHE A 131 7.78 -5.65 19.54
CA PHE A 131 8.97 -5.91 18.71
C PHE A 131 8.76 -7.20 17.92
N ALA A 132 8.24 -8.23 18.60
CA ALA A 132 7.94 -9.51 17.96
C ALA A 132 6.90 -9.37 16.84
N LEU A 133 5.85 -8.62 17.12
CA LEU A 133 4.78 -8.36 16.14
C LEU A 133 5.34 -7.61 14.93
N ARG A 134 6.28 -6.70 15.17
CA ARG A 134 6.93 -5.93 14.08
C ARG A 134 7.72 -6.86 13.15
N LEU A 135 8.44 -7.81 13.72
CA LEU A 135 9.23 -8.76 12.92
C LEU A 135 8.37 -9.55 11.94
N VAL A 136 7.16 -9.91 12.36
CA VAL A 136 6.27 -10.75 11.55
C VAL A 136 5.18 -9.97 10.79
N ALA A 137 5.17 -8.65 10.94
CA ALA A 137 4.13 -7.82 10.31
C ALA A 137 4.17 -7.94 8.78
N LYS A 138 2.99 -7.92 8.17
CA LYS A 138 2.81 -7.92 6.71
C LYS A 138 2.58 -6.50 6.18
N PRO A 139 2.85 -6.26 4.88
CA PRO A 139 2.48 -4.97 4.28
C PRO A 139 0.98 -4.63 4.43
N GLY A 140 0.51 -3.39 4.62
CA GLY A 140 0.88 -2.40 5.53
C GLY A 140 -0.05 -2.68 6.73
N ASP A 141 0.39 -3.60 7.55
CA ASP A 141 0.00 -3.62 8.95
C ASP A 141 0.49 -2.34 9.58
N LYS A 142 -0.21 -1.89 10.62
CA LYS A 142 0.24 -0.77 11.43
C LYS A 142 1.70 -0.98 11.93
N LEU A 143 2.09 -2.22 12.24
CA LEU A 143 3.44 -2.50 12.75
C LEU A 143 4.47 -2.86 11.67
N TYR A 144 4.09 -2.79 10.40
CA TYR A 144 5.04 -3.07 9.32
C TYR A 144 6.05 -1.93 9.21
N CYS A 145 7.35 -2.26 9.25
CA CYS A 145 8.40 -1.25 9.32
C CYS A 145 9.71 -1.80 8.77
N ARG A 146 10.80 -1.03 8.93
CA ARG A 146 12.12 -1.43 8.41
C ARG A 146 12.48 -2.78 8.99
N LEU A 147 12.20 -2.94 10.29
CA LEU A 147 12.53 -4.20 10.95
C LEU A 147 11.80 -5.39 10.30
N SER A 148 10.51 -5.24 10.03
CA SER A 148 9.74 -6.29 9.34
C SER A 148 10.41 -6.72 8.04
N ILE A 149 10.64 -5.75 7.14
CA ILE A 149 11.07 -6.08 5.78
C ILE A 149 12.51 -6.58 5.73
N ASN A 150 13.40 -6.02 6.57
CA ASN A 150 14.80 -6.43 6.60
C ASN A 150 14.91 -7.86 7.16
N THR A 151 14.18 -8.12 8.24
CA THR A 151 14.15 -9.50 8.80
C THR A 151 13.58 -10.49 7.75
N GLN A 152 12.44 -10.15 7.16
CA GLN A 152 11.82 -11.08 6.20
C GLN A 152 12.61 -11.29 4.90
N LEU A 153 13.41 -10.30 4.50
CA LEU A 153 14.32 -10.46 3.37
C LEU A 153 15.37 -11.52 3.63
N LEU A 154 15.96 -11.49 4.83
CA LEU A 154 17.13 -12.33 5.12
C LEU A 154 16.82 -13.62 5.88
N ALA A 155 15.58 -13.78 6.32
CA ALA A 155 15.27 -14.89 7.23
C ALA A 155 13.83 -15.32 7.14
N ARG A 156 13.54 -16.55 7.57
CA ARG A 156 12.19 -16.94 7.88
C ARG A 156 11.97 -16.65 9.36
N VAL A 157 10.93 -15.90 9.70
CA VAL A 157 10.71 -15.45 11.07
C VAL A 157 9.29 -15.90 11.43
N ASP A 158 9.14 -16.49 12.61
CA ASP A 158 7.84 -16.95 13.09
C ASP A 158 7.60 -16.57 14.53
N HIS A 159 6.41 -16.06 14.83
CA HIS A 159 6.00 -15.80 16.21
C HIS A 159 5.51 -17.12 16.83
N LEU A 160 6.24 -17.63 17.82
CA LEU A 160 5.98 -18.99 18.38
C LEU A 160 5.08 -19.03 19.57
N MET A 161 5.27 -18.09 20.50
CA MET A 161 4.49 -18.11 21.74
C MET A 161 4.46 -16.77 22.44
N LYS A 162 3.32 -16.49 23.07
CA LYS A 162 3.16 -15.37 23.96
C LYS A 162 3.61 -15.74 25.37
N VAL A 163 4.35 -14.84 26.00
CA VAL A 163 4.87 -15.08 27.36
C VAL A 163 4.46 -13.92 28.28
N GLY A 164 3.64 -14.22 29.28
CA GLY A 164 3.20 -13.26 30.29
C GLY A 164 4.32 -12.65 31.11
N LYS A 165 4.17 -11.38 31.51
CA LYS A 165 5.21 -10.69 32.31
C LYS A 165 5.42 -11.41 33.66
N ASN A 166 4.40 -12.12 34.11
CA ASN A 166 4.39 -12.86 35.38
C ASN A 166 5.47 -13.97 35.43
N ASN A 167 6.03 -14.28 34.26
CA ASN A 167 6.96 -15.39 34.12
C ASN A 167 8.40 -15.00 34.38
N PHE A 168 8.63 -13.70 34.63
CA PHE A 168 9.96 -13.16 34.85
C PHE A 168 10.06 -12.60 36.27
N ARG A 169 11.28 -12.57 36.79
CA ARG A 169 11.58 -11.89 38.03
C ARG A 169 12.76 -10.96 37.85
N PRO A 170 12.56 -9.65 38.06
CA PRO A 170 11.30 -8.98 38.32
C PRO A 170 10.52 -8.90 36.99
N PRO A 171 9.19 -8.75 37.04
CA PRO A 171 8.44 -8.72 35.79
C PRO A 171 8.73 -7.47 34.94
N PRO A 172 8.78 -7.64 33.62
CA PRO A 172 8.85 -6.40 32.82
C PRO A 172 7.48 -5.70 32.78
N LYS A 173 7.42 -4.51 32.15
CA LYS A 173 6.19 -3.71 32.08
C LYS A 173 5.27 -4.11 30.92
N VAL A 174 5.83 -4.84 29.96
CA VAL A 174 5.08 -5.33 28.79
C VAL A 174 5.16 -6.84 28.69
N GLU A 175 4.19 -7.41 27.99
CA GLU A 175 4.19 -8.82 27.63
C GLU A 175 5.33 -9.09 26.65
N SER A 176 5.74 -10.36 26.61
CA SER A 176 6.83 -10.82 25.76
C SER A 176 6.35 -11.91 24.80
N SER A 177 7.25 -12.25 23.88
CA SER A 177 6.98 -13.22 22.81
C SER A 177 8.25 -13.99 22.52
N VAL A 178 8.10 -15.25 22.17
CA VAL A 178 9.19 -16.04 21.65
C VAL A 178 9.04 -16.07 20.14
N VAL A 179 10.13 -15.79 19.45
CA VAL A 179 10.19 -15.76 17.98
C VAL A 179 11.30 -16.74 17.52
N ARG A 180 11.09 -17.39 16.37
CA ARG A 180 12.15 -18.13 15.67
C ARG A 180 12.69 -17.36 14.46
N ILE A 181 14.01 -17.31 14.31
CA ILE A 181 14.62 -16.69 13.12
C ILE A 181 15.55 -17.74 12.51
N GLU A 182 15.23 -18.16 11.28
CA GLU A 182 16.10 -19.04 10.48
C GLU A 182 16.59 -18.28 9.25
N PRO A 183 17.90 -17.98 9.20
CA PRO A 183 18.49 -17.18 8.11
C PRO A 183 18.39 -17.93 6.80
N LYS A 184 17.97 -17.23 5.76
CA LYS A 184 17.93 -17.79 4.41
C LYS A 184 19.36 -18.07 3.93
N ASN A 185 19.60 -19.33 3.56
CA ASN A 185 20.92 -19.78 3.17
C ASN A 185 20.79 -20.62 1.89
N PRO A 186 21.29 -20.10 0.75
CA PRO A 186 21.95 -18.79 0.60
C PRO A 186 20.95 -17.65 0.72
N PRO A 187 21.43 -16.44 1.05
CA PRO A 187 20.49 -15.33 1.12
C PRO A 187 20.14 -14.82 -0.28
N PRO A 188 19.10 -13.95 -0.40
CA PRO A 188 18.85 -13.38 -1.72
C PRO A 188 20.06 -12.60 -2.24
N PRO A 189 20.19 -12.51 -3.58
CA PRO A 189 21.37 -11.92 -4.20
C PRO A 189 21.19 -10.40 -4.18
N ILE A 190 21.19 -9.83 -2.99
CA ILE A 190 20.96 -8.41 -2.86
C ILE A 190 21.91 -7.80 -1.86
N ASN A 191 22.53 -6.68 -2.24
CA ASN A 191 23.50 -6.00 -1.41
C ASN A 191 22.78 -5.35 -0.23
N PHE A 192 22.96 -5.90 0.98
CA PHE A 192 22.17 -5.44 2.13
C PHE A 192 22.41 -3.98 2.52
N GLN A 193 23.63 -3.51 2.32
CA GLN A 193 23.95 -2.10 2.60
C GLN A 193 23.12 -1.17 1.71
N GLU A 194 23.11 -1.41 0.40
CA GLU A 194 22.23 -0.62 -0.50
C GLU A 194 20.78 -0.72 -0.10
N TRP A 195 20.32 -1.95 0.11
CA TRP A 195 18.94 -2.23 0.48
C TRP A 195 18.53 -1.43 1.69
N ASP A 196 19.33 -1.52 2.76
CA ASP A 196 18.98 -0.81 3.99
C ASP A 196 18.97 0.72 3.79
N GLY A 197 19.87 1.24 2.96
CA GLY A 197 19.82 2.68 2.63
C GLY A 197 18.46 3.12 2.08
N LEU A 198 17.98 2.39 1.08
CA LEU A 198 16.67 2.64 0.49
C LEU A 198 15.52 2.46 1.48
N VAL A 199 15.59 1.39 2.26
CA VAL A 199 14.58 1.07 3.23
C VAL A 199 14.53 2.15 4.34
N ARG A 200 15.70 2.56 4.84
CA ARG A 200 15.78 3.63 5.84
C ARG A 200 15.07 4.94 5.33
N ILE A 201 15.47 5.39 4.15
CA ILE A 201 14.98 6.64 3.53
C ILE A 201 13.46 6.63 3.36
N THR A 202 12.93 5.51 2.89
CA THR A 202 11.50 5.40 2.59
C THR A 202 10.63 5.12 3.82
N PHE A 203 11.14 4.32 4.76
CA PHE A 203 10.38 4.02 5.96
C PHE A 203 10.41 5.11 7.03
N VAL A 204 11.35 6.05 6.98
CA VAL A 204 11.47 6.98 8.12
C VAL A 204 10.13 7.67 8.39
N ARG A 205 9.48 8.09 7.32
CA ARG A 205 8.07 8.47 7.37
C ARG A 205 7.31 7.52 6.43
N LYS A 206 7.03 6.31 6.92
CA LYS A 206 6.54 5.18 6.12
C LYS A 206 5.15 5.41 5.50
N ASN A 207 4.47 6.45 5.99
CA ASN A 207 3.17 6.83 5.52
C ASN A 207 3.15 7.92 4.40
N LYS A 208 4.31 8.49 4.09
CA LYS A 208 4.44 9.47 3.00
C LYS A 208 4.63 8.74 1.68
N THR A 209 4.14 9.28 0.56
CA THR A 209 4.43 8.67 -0.74
C THR A 209 5.93 8.74 -0.97
N LEU A 210 6.46 7.87 -1.81
CA LEU A 210 7.89 7.90 -2.13
C LEU A 210 8.30 9.21 -2.78
N SER A 211 7.41 9.75 -3.62
CA SER A 211 7.68 11.06 -4.23
C SER A 211 8.01 12.12 -3.14
N ALA A 212 7.19 12.19 -2.11
CA ALA A 212 7.44 13.13 -1.01
C ALA A 212 8.67 12.75 -0.20
N ALA A 213 8.88 11.46 0.07
CA ALA A 213 10.03 11.03 0.86
C ALA A 213 11.38 11.41 0.22
N PHE A 214 11.45 11.33 -1.10
CA PHE A 214 12.69 11.59 -1.79
C PHE A 214 12.93 13.09 -2.05
N LYS A 215 11.94 13.92 -1.73
CA LYS A 215 12.10 15.38 -1.93
C LYS A 215 12.86 16.08 -0.82
N SER A 216 13.05 15.39 0.29
CA SER A 216 13.73 15.95 1.46
C SER A 216 15.17 16.41 1.12
N SER A 217 15.59 17.56 1.64
CA SER A 217 16.90 18.09 1.30
C SER A 217 18.05 17.13 1.63
N ALA A 218 18.00 16.51 2.81
CA ALA A 218 19.06 15.58 3.21
C ALA A 218 19.24 14.45 2.21
N VAL A 219 18.10 13.91 1.76
CA VAL A 219 18.06 12.84 0.77
C VAL A 219 18.69 13.30 -0.55
N GLN A 220 18.22 14.43 -1.07
CA GLN A 220 18.68 14.95 -2.36
C GLN A 220 20.17 15.25 -2.36
N GLN A 221 20.65 15.80 -1.25
CA GLN A 221 22.06 16.18 -1.14
C GLN A 221 23.00 14.95 -1.21
N LEU A 222 22.71 13.92 -0.41
CA LEU A 222 23.55 12.70 -0.42
C LEU A 222 23.45 11.98 -1.76
N LEU A 223 22.23 11.80 -2.26
CA LEU A 223 22.06 11.11 -3.53
C LEU A 223 22.76 11.86 -4.66
N GLU A 224 22.69 13.19 -4.67
CA GLU A 224 23.45 13.92 -5.69
C GLU A 224 24.97 13.75 -5.54
N LYS A 225 25.48 13.82 -4.30
CA LYS A 225 26.89 13.61 -4.02
C LYS A 225 27.36 12.24 -4.52
N ASN A 226 26.65 11.17 -4.12
CA ASN A 226 27.04 9.83 -4.55
C ASN A 226 26.91 9.63 -6.05
N TYR A 227 25.89 10.25 -6.67
CA TYR A 227 25.70 10.17 -8.13
C TYR A 227 26.87 10.84 -8.89
N ARG A 228 27.30 11.98 -8.40
CA ARG A 228 28.47 12.66 -8.97
C ARG A 228 29.73 11.80 -8.83
N ILE A 229 29.87 11.10 -7.71
CA ILE A 229 31.02 10.19 -7.53
C ILE A 229 30.92 9.02 -8.54
N HIS A 230 29.73 8.43 -8.64
CA HIS A 230 29.41 7.42 -9.64
C HIS A 230 29.88 7.81 -11.04
N CYS A 231 29.47 8.99 -11.48
CA CYS A 231 29.77 9.47 -12.82
C CYS A 231 31.28 9.71 -13.02
N SER A 232 31.98 10.06 -11.96
CA SER A 232 33.42 10.30 -12.04
C SER A 232 34.12 8.96 -12.27
N VAL A 233 33.54 7.91 -11.73
CA VAL A 233 34.12 6.58 -11.87
C VAL A 233 33.83 6.03 -13.26
N HIS A 234 32.59 6.19 -13.71
CA HIS A 234 32.16 5.59 -14.98
C HIS A 234 32.20 6.52 -16.19
N ASN A 235 32.78 7.71 -16.03
CA ASN A 235 32.92 8.67 -17.12
C ASN A 235 31.57 9.07 -17.78
N ILE A 236 30.60 9.41 -16.93
CA ILE A 236 29.30 9.84 -17.40
C ILE A 236 29.19 11.38 -17.27
N ILE A 237 28.83 12.04 -18.37
CA ILE A 237 28.63 13.50 -18.39
C ILE A 237 27.42 13.87 -17.52
N ILE A 238 27.60 14.82 -16.61
CA ILE A 238 26.47 15.40 -15.89
C ILE A 238 26.21 16.78 -16.47
N PRO A 239 25.06 16.94 -17.16
CA PRO A 239 24.74 18.26 -17.71
C PRO A 239 24.81 19.39 -16.67
N GLU A 240 25.14 20.58 -17.17
CA GLU A 240 25.18 21.82 -16.39
C GLU A 240 23.88 22.08 -15.62
N ASP A 241 22.75 21.71 -16.23
CA ASP A 241 21.43 21.99 -15.65
C ASP A 241 20.83 20.78 -14.93
N PHE A 242 21.71 19.88 -14.48
CA PHE A 242 21.30 18.67 -13.79
C PHE A 242 20.42 18.95 -12.56
N SER A 243 19.39 18.11 -12.40
CA SER A 243 18.48 18.22 -11.30
C SER A 243 18.37 16.83 -10.71
N ILE A 244 18.81 16.69 -9.46
CA ILE A 244 18.68 15.42 -8.77
C ILE A 244 17.23 15.07 -8.45
N ALA A 245 16.39 16.11 -8.25
CA ALA A 245 14.96 15.91 -8.01
C ALA A 245 14.33 15.28 -9.23
N ASP A 246 14.66 15.77 -10.42
CA ASP A 246 14.11 15.21 -11.66
C ASP A 246 14.61 13.81 -11.92
N LYS A 247 15.89 13.58 -11.70
CA LYS A 247 16.44 12.25 -11.90
C LYS A 247 15.73 11.25 -11.01
N ILE A 248 15.59 11.61 -9.73
CA ILE A 248 14.95 10.73 -8.74
C ILE A 248 13.51 10.45 -9.14
N GLN A 249 12.75 11.50 -9.40
CA GLN A 249 11.34 11.39 -9.79
C GLN A 249 11.08 10.53 -11.04
N GLN A 250 12.03 10.49 -11.97
CA GLN A 250 11.80 9.73 -13.19
C GLN A 250 11.97 8.25 -12.94
N ILE A 251 12.82 7.92 -11.97
CA ILE A 251 12.99 6.53 -11.52
C ILE A 251 11.75 6.07 -10.76
N LEU A 252 11.22 6.96 -9.90
CA LEU A 252 10.01 6.64 -9.13
C LEU A 252 8.84 6.41 -10.05
N THR A 253 8.71 7.26 -11.06
CA THR A 253 7.68 7.10 -12.08
C THR A 253 7.84 5.84 -12.90
N SER A 254 9.04 5.58 -13.42
CA SER A 254 9.26 4.43 -14.27
C SER A 254 9.09 3.10 -13.54
N THR A 255 9.47 3.05 -12.25
CA THR A 255 9.24 1.80 -11.48
C THR A 255 7.80 1.65 -10.97
N GLY A 256 6.99 2.69 -11.13
CA GLY A 256 5.63 2.73 -10.64
C GLY A 256 5.42 3.02 -9.16
N PHE A 257 6.49 3.44 -8.45
CA PHE A 257 6.42 3.55 -6.97
C PHE A 257 6.26 4.97 -6.43
N SER A 258 6.26 5.95 -7.32
CA SER A 258 6.12 7.36 -6.97
C SER A 258 4.96 7.67 -6.01
N ASP A 259 3.81 7.07 -6.27
CA ASP A 259 2.60 7.33 -5.50
C ASP A 259 2.36 6.24 -4.44
N LYS A 260 3.35 5.36 -4.26
CA LYS A 260 3.28 4.35 -3.21
C LYS A 260 3.96 4.79 -1.93
N ARG A 261 3.66 4.07 -0.84
CA ARG A 261 4.19 4.38 0.47
C ARG A 261 4.88 3.09 0.94
N ALA A 262 6.05 3.24 1.57
CA ALA A 262 6.81 2.08 2.03
C ALA A 262 5.98 1.11 2.88
N ARG A 263 5.06 1.60 3.69
CA ARG A 263 4.25 0.75 4.56
C ARG A 263 3.39 -0.28 3.82
N SER A 264 3.13 -0.04 2.53
CA SER A 264 2.34 -0.96 1.72
C SER A 264 3.17 -1.71 0.67
N MET A 265 4.50 -1.59 0.74
CA MET A 265 5.33 -2.16 -0.29
C MET A 265 5.98 -3.43 0.28
N ASP A 266 6.01 -4.48 -0.53
CA ASP A 266 6.59 -5.76 -0.14
C ASP A 266 8.01 -5.92 -0.68
N ILE A 267 8.63 -7.09 -0.45
CA ILE A 267 10.01 -7.29 -0.88
C ILE A 267 10.18 -7.22 -2.41
N ASP A 268 9.29 -7.85 -3.16
CA ASP A 268 9.30 -7.78 -4.62
C ASP A 268 9.40 -6.30 -5.06
N ASP A 269 8.54 -5.46 -4.47
CA ASP A 269 8.49 -4.01 -4.77
C ASP A 269 9.80 -3.30 -4.51
N PHE A 270 10.41 -3.52 -3.34
CA PHE A 270 11.64 -2.84 -3.03
C PHE A 270 12.80 -3.35 -3.87
N ILE A 271 12.79 -4.64 -4.20
CA ILE A 271 13.84 -5.16 -5.10
C ILE A 271 13.74 -4.44 -6.46
N ARG A 272 12.52 -4.36 -7.00
CA ARG A 272 12.30 -3.64 -8.28
C ARG A 272 12.78 -2.17 -8.21
N LEU A 273 12.40 -1.49 -7.14
CA LEU A 273 12.80 -0.11 -6.91
C LEU A 273 14.31 0.03 -6.82
N LEU A 274 14.96 -0.85 -6.06
CA LEU A 274 16.41 -0.80 -5.88
C LEU A 274 17.08 -0.99 -7.24
N HIS A 275 16.66 -2.04 -7.94
CA HIS A 275 17.15 -2.34 -9.31
C HIS A 275 17.04 -1.10 -10.20
N GLY A 276 15.91 -0.42 -10.12
CA GLY A 276 15.64 0.72 -10.97
C GLY A 276 16.47 1.96 -10.64
N PHE A 277 16.81 2.14 -9.35
CA PHE A 277 17.75 3.20 -8.98
C PHE A 277 19.15 2.87 -9.47
N ASN A 278 19.59 1.62 -9.26
CA ASN A 278 20.92 1.14 -9.59
C ASN A 278 21.23 1.22 -11.10
N ALA A 279 20.25 0.85 -11.90
CA ALA A 279 20.34 0.93 -13.36
C ALA A 279 20.61 2.36 -13.85
N GLU A 280 20.25 3.36 -13.04
CA GLU A 280 20.44 4.75 -13.41
C GLU A 280 21.60 5.41 -12.66
N GLY A 281 22.42 4.62 -11.98
CA GLY A 281 23.62 5.16 -11.31
C GLY A 281 23.43 5.62 -9.88
N ILE A 282 22.23 5.42 -9.34
CA ILE A 282 21.98 5.75 -7.91
C ILE A 282 22.18 4.53 -7.04
N HIS A 283 23.22 4.62 -6.21
CA HIS A 283 23.61 3.57 -5.29
C HIS A 283 23.55 4.08 -3.84
N PHE A 284 22.84 3.35 -2.97
CA PHE A 284 22.58 3.77 -1.57
C PHE A 284 23.66 3.29 -0.60
N SER A 285 23.92 4.09 0.43
CA SER A 285 24.85 3.72 1.50
C SER A 285 24.08 3.56 2.81
N GLN B 8 -35.14 17.99 -21.95
CA GLN B 8 -34.21 18.40 -23.05
C GLN B 8 -33.73 19.84 -22.90
N HIS B 9 -32.90 20.06 -21.89
CA HIS B 9 -32.39 21.39 -21.59
C HIS B 9 -31.20 21.77 -22.50
N ILE B 10 -31.47 22.66 -23.45
CA ILE B 10 -30.48 23.00 -24.46
C ILE B 10 -29.66 24.17 -23.98
N LEU B 11 -28.34 24.01 -23.88
CA LEU B 11 -27.47 25.12 -23.53
C LEU B 11 -27.43 26.21 -24.60
N LYS B 12 -27.80 27.44 -24.21
CA LYS B 12 -27.97 28.50 -25.19
C LYS B 12 -27.22 29.80 -24.86
N ASN B 13 -26.32 29.73 -23.89
CA ASN B 13 -25.45 30.84 -23.61
C ASN B 13 -24.13 30.69 -24.36
N PRO B 14 -23.91 31.52 -25.39
CA PRO B 14 -22.71 31.39 -26.21
C PRO B 14 -21.39 31.52 -25.45
N LEU B 15 -21.39 32.26 -24.36
CA LEU B 15 -20.15 32.50 -23.58
C LEU B 15 -19.72 31.27 -22.76
N ILE B 16 -20.70 30.57 -22.23
CA ILE B 16 -20.49 29.31 -21.52
C ILE B 16 -20.12 28.22 -22.52
N ILE B 17 -20.79 28.20 -23.66
CA ILE B 17 -20.38 27.30 -24.74
C ILE B 17 -18.92 27.52 -25.12
N ASN B 18 -18.52 28.77 -25.34
CA ASN B 18 -17.13 29.08 -25.66
C ASN B 18 -16.14 28.65 -24.59
N SER B 19 -16.55 28.82 -23.34
CA SER B 19 -15.71 28.47 -22.20
C SER B 19 -15.53 26.96 -22.07
N ILE B 20 -16.61 26.21 -22.29
CA ILE B 20 -16.54 24.74 -22.30
C ILE B 20 -15.58 24.25 -23.39
N ILE B 21 -15.71 24.79 -24.59
CA ILE B 21 -14.83 24.38 -25.71
C ILE B 21 -13.37 24.71 -25.38
N ASP B 22 -13.16 25.88 -24.77
CA ASP B 22 -11.83 26.29 -24.36
C ASP B 22 -11.21 25.30 -23.38
N LYS B 23 -12.02 24.84 -22.42
CA LYS B 23 -11.55 23.92 -21.37
C LYS B 23 -11.25 22.53 -21.95
N ALA B 24 -11.87 22.20 -23.08
CA ALA B 24 -11.58 20.96 -23.80
C ALA B 24 -10.16 20.89 -24.43
N ALA B 25 -9.48 22.03 -24.48
CA ALA B 25 -8.17 22.21 -25.12
C ALA B 25 -8.00 21.40 -26.42
N LEU B 26 -8.84 21.71 -27.41
CA LEU B 26 -8.88 20.96 -28.66
C LEU B 26 -7.57 21.05 -29.41
N ARG B 27 -7.21 19.94 -30.03
CA ARG B 27 -6.13 19.91 -31.02
C ARG B 27 -6.79 19.73 -32.38
N PRO B 28 -6.16 20.29 -33.44
CA PRO B 28 -6.77 20.18 -34.80
C PRO B 28 -6.93 18.72 -35.28
N THR B 29 -6.15 17.79 -34.72
CA THR B 29 -6.19 16.37 -35.08
C THR B 29 -7.21 15.56 -34.24
N ASP B 30 -7.82 16.18 -33.22
CA ASP B 30 -8.72 15.48 -32.32
C ASP B 30 -10.01 14.97 -32.93
N VAL B 31 -10.47 13.84 -32.41
CA VAL B 31 -11.82 13.36 -32.58
C VAL B 31 -12.54 13.70 -31.29
N VAL B 32 -13.64 14.44 -31.43
CA VAL B 32 -14.42 14.86 -30.28
C VAL B 32 -15.71 14.08 -30.27
N LEU B 33 -15.99 13.42 -29.15
CA LEU B 33 -17.27 12.84 -28.91
C LEU B 33 -18.12 13.89 -28.24
N GLU B 34 -19.19 14.33 -28.89
CA GLU B 34 -20.17 15.19 -28.24
C GLU B 34 -21.46 14.43 -27.88
N VAL B 35 -21.73 14.26 -26.59
CA VAL B 35 -22.89 13.48 -26.17
C VAL B 35 -24.00 14.46 -25.80
N GLY B 36 -25.16 14.31 -26.42
CA GLY B 36 -26.24 15.27 -26.21
C GLY B 36 -26.02 16.60 -26.94
N PRO B 37 -25.85 16.58 -28.30
CA PRO B 37 -25.60 17.82 -29.05
C PRO B 37 -26.79 18.80 -29.09
N GLY B 38 -28.00 18.35 -28.71
CA GLY B 38 -29.15 19.24 -28.70
C GLY B 38 -29.44 19.82 -30.08
N THR B 39 -29.51 21.15 -30.15
CA THR B 39 -29.79 21.86 -31.41
C THR B 39 -28.50 22.14 -32.21
N GLY B 40 -27.36 21.66 -31.71
CA GLY B 40 -26.05 21.84 -32.36
C GLY B 40 -25.28 23.13 -32.08
N ASN B 41 -25.66 23.88 -31.05
CA ASN B 41 -24.98 25.13 -30.74
C ASN B 41 -23.50 24.95 -30.52
N MET B 42 -23.11 23.87 -29.84
CA MET B 42 -21.71 23.63 -29.61
C MET B 42 -21.08 22.85 -30.77
N THR B 43 -21.86 21.96 -31.38
CA THR B 43 -21.38 21.14 -32.50
C THR B 43 -20.76 21.98 -33.62
N VAL B 44 -21.45 23.04 -34.03
CA VAL B 44 -20.98 23.80 -35.19
C VAL B 44 -19.64 24.48 -34.88
N LYS B 45 -19.40 24.79 -33.61
CA LYS B 45 -18.14 25.38 -33.17
C LYS B 45 -17.02 24.35 -33.02
N LEU B 46 -17.36 23.17 -32.52
CA LEU B 46 -16.43 22.05 -32.42
C LEU B 46 -15.91 21.61 -33.77
N LEU B 47 -16.82 21.55 -34.76
CA LEU B 47 -16.45 21.14 -36.12
C LEU B 47 -15.37 22.01 -36.73
N GLU B 48 -15.35 23.29 -36.36
CA GLU B 48 -14.35 24.18 -36.92
C GLU B 48 -12.96 24.01 -36.31
N LYS B 49 -12.89 23.34 -35.17
CA LYS B 49 -11.62 23.27 -34.40
C LYS B 49 -10.98 21.88 -34.37
N ALA B 50 -11.80 20.85 -34.59
CA ALA B 50 -11.35 19.46 -34.50
C ALA B 50 -11.33 18.76 -35.86
N LYS B 51 -10.70 17.58 -35.92
CA LYS B 51 -10.64 16.80 -37.16
C LYS B 51 -11.98 16.13 -37.45
N LYS B 52 -12.68 15.73 -36.39
CA LYS B 52 -13.92 14.97 -36.53
C LYS B 52 -14.72 15.17 -35.25
N VAL B 53 -16.02 15.31 -35.41
CA VAL B 53 -16.94 15.32 -34.27
C VAL B 53 -17.93 14.17 -34.44
N VAL B 54 -17.94 13.27 -33.45
CA VAL B 54 -18.87 12.15 -33.41
C VAL B 54 -19.92 12.56 -32.39
N ALA B 55 -21.10 12.90 -32.87
CA ALA B 55 -22.16 13.43 -32.01
C ALA B 55 -23.15 12.31 -31.68
N CYS B 56 -23.43 12.09 -30.40
CA CYS B 56 -24.31 11.01 -29.97
C CYS B 56 -25.59 11.61 -29.45
N GLU B 57 -26.68 11.27 -30.11
CA GLU B 57 -27.98 11.85 -29.81
C GLU B 57 -29.11 10.82 -29.83
N LEU B 58 -29.97 10.88 -28.82
CA LEU B 58 -31.05 9.90 -28.65
C LEU B 58 -32.29 10.23 -29.53
N ASP B 59 -32.55 11.50 -29.72
CA ASP B 59 -33.79 11.96 -30.32
C ASP B 59 -33.60 12.06 -31.83
N PRO B 60 -34.26 11.20 -32.62
CA PRO B 60 -34.14 11.31 -34.10
C PRO B 60 -34.54 12.69 -34.69
N ARG B 61 -35.47 13.40 -34.05
CA ARG B 61 -35.82 14.73 -34.50
C ARG B 61 -34.62 15.67 -34.40
N LEU B 62 -33.88 15.61 -33.28
CA LEU B 62 -32.72 16.49 -33.11
C LEU B 62 -31.62 16.06 -34.07
N VAL B 63 -31.46 14.76 -34.28
CA VAL B 63 -30.48 14.30 -35.25
C VAL B 63 -30.75 14.89 -36.66
N ALA B 64 -32.00 14.86 -37.07
CA ALA B 64 -32.40 15.36 -38.39
C ALA B 64 -32.14 16.87 -38.49
N GLU B 65 -32.43 17.62 -37.42
CA GLU B 65 -32.13 19.07 -37.40
C GLU B 65 -30.66 19.36 -37.39
N LEU B 66 -29.88 18.53 -36.71
CA LEU B 66 -28.44 18.70 -36.67
C LEU B 66 -27.80 18.50 -38.06
N HIS B 67 -28.20 17.44 -38.78
CA HIS B 67 -27.78 17.30 -40.18
C HIS B 67 -28.13 18.56 -41.00
N LYS B 68 -29.36 19.05 -40.84
CA LYS B 68 -29.80 20.24 -41.59
C LYS B 68 -28.95 21.48 -41.27
N ARG B 69 -28.60 21.64 -40.00
CA ARG B 69 -27.80 22.80 -39.58
C ARG B 69 -26.42 22.85 -40.24
N VAL B 70 -25.74 21.72 -40.33
CA VAL B 70 -24.42 21.71 -40.96
C VAL B 70 -24.50 21.58 -42.51
N GLN B 71 -25.69 21.30 -43.03
CA GLN B 71 -25.83 20.99 -44.45
C GLN B 71 -25.34 22.17 -45.29
N GLY B 72 -24.47 21.88 -46.26
CA GLY B 72 -23.99 22.91 -47.18
C GLY B 72 -22.85 23.78 -46.66
N THR B 73 -22.44 23.57 -45.40
CA THR B 73 -21.28 24.26 -44.86
C THR B 73 -20.00 23.45 -45.13
N PRO B 74 -18.85 24.13 -45.17
CA PRO B 74 -17.60 23.46 -45.49
C PRO B 74 -17.13 22.41 -44.47
N VAL B 75 -17.71 22.39 -43.27
CA VAL B 75 -17.30 21.43 -42.23
C VAL B 75 -18.28 20.26 -42.06
N ALA B 76 -19.33 20.22 -42.89
CA ALA B 76 -20.35 19.17 -42.77
C ALA B 76 -19.77 17.74 -42.82
N SER B 77 -18.75 17.52 -43.64
CA SER B 77 -18.18 16.21 -43.78
C SER B 77 -17.43 15.69 -42.55
N LYS B 78 -17.05 16.60 -41.63
CA LYS B 78 -16.37 16.20 -40.39
C LYS B 78 -17.33 15.77 -39.27
N LEU B 79 -18.62 15.81 -39.55
CA LEU B 79 -19.63 15.42 -38.56
C LEU B 79 -20.13 13.99 -38.77
N GLN B 80 -20.04 13.17 -37.73
CA GLN B 80 -20.71 11.89 -37.73
C GLN B 80 -21.74 11.90 -36.60
N VAL B 81 -22.96 11.51 -36.91
CA VAL B 81 -24.03 11.44 -35.91
C VAL B 81 -24.40 9.99 -35.61
N LEU B 82 -24.14 9.56 -34.37
CA LEU B 82 -24.58 8.25 -33.88
C LEU B 82 -25.92 8.41 -33.16
N VAL B 83 -26.95 7.74 -33.66
CA VAL B 83 -28.30 7.91 -33.15
C VAL B 83 -28.63 6.83 -32.11
N GLY B 84 -29.27 7.24 -31.03
CA GLY B 84 -29.71 6.32 -29.99
C GLY B 84 -29.11 6.63 -28.63
N ASP B 85 -29.37 5.70 -27.71
CA ASP B 85 -28.93 5.81 -26.32
C ASP B 85 -27.41 5.62 -26.21
N VAL B 86 -26.71 6.67 -25.75
CA VAL B 86 -25.25 6.61 -25.66
C VAL B 86 -24.79 5.46 -24.71
N LEU B 87 -25.62 5.11 -23.74
CA LEU B 87 -25.30 4.01 -22.79
C LEU B 87 -25.21 2.63 -23.44
N LYS B 88 -25.98 2.46 -24.52
CA LYS B 88 -26.00 1.20 -25.29
C LYS B 88 -25.16 1.28 -26.58
N THR B 89 -24.41 2.36 -26.72
CA THR B 89 -23.61 2.61 -27.92
C THR B 89 -22.18 2.14 -27.67
N ASP B 90 -21.65 1.36 -28.60
CA ASP B 90 -20.23 1.03 -28.60
C ASP B 90 -19.50 2.25 -29.15
N LEU B 91 -18.74 2.91 -28.27
CA LEU B 91 -18.11 4.19 -28.59
C LEU B 91 -16.81 3.98 -29.35
N PRO B 92 -16.58 4.81 -30.39
CA PRO B 92 -15.36 4.72 -31.17
C PRO B 92 -14.20 5.33 -30.41
N PHE B 93 -12.99 5.32 -30.96
CA PHE B 93 -11.93 6.08 -30.34
C PHE B 93 -12.27 7.58 -30.35
N PHE B 94 -12.05 8.25 -29.23
CA PHE B 94 -12.15 9.75 -29.24
C PHE B 94 -11.06 10.33 -28.36
N ASP B 95 -10.59 11.53 -28.70
CA ASP B 95 -9.55 12.19 -27.88
C ASP B 95 -10.15 12.94 -26.71
N THR B 96 -11.21 13.68 -26.97
CA THR B 96 -11.85 14.47 -25.93
C THR B 96 -13.36 14.29 -26.05
N CYS B 97 -14.05 14.54 -24.94
CA CYS B 97 -15.49 14.43 -24.92
C CYS B 97 -16.08 15.67 -24.31
N VAL B 98 -17.22 16.10 -24.85
CA VAL B 98 -18.06 17.14 -24.30
C VAL B 98 -19.47 16.55 -24.18
N ALA B 99 -20.15 16.76 -23.05
CA ALA B 99 -21.46 16.14 -22.82
C ALA B 99 -22.40 17.02 -22.01
N ASN B 100 -23.66 17.08 -22.44
CA ASN B 100 -24.75 17.64 -21.66
C ASN B 100 -25.94 16.68 -21.67
N LEU B 101 -26.02 15.81 -20.67
CA LEU B 101 -27.04 14.78 -20.64
C LEU B 101 -28.01 14.98 -19.48
N PRO B 102 -29.19 14.31 -19.52
CA PRO B 102 -30.10 14.47 -18.40
C PRO B 102 -29.42 14.00 -17.14
N TYR B 103 -29.84 14.56 -16.01
CA TYR B 103 -29.26 14.22 -14.73
C TYR B 103 -29.41 12.74 -14.41
N GLN B 104 -30.55 12.16 -14.79
CA GLN B 104 -30.87 10.77 -14.47
C GLN B 104 -29.89 9.72 -15.00
N ILE B 105 -29.02 10.08 -15.95
CA ILE B 105 -28.00 9.13 -16.43
C ILE B 105 -26.52 9.56 -16.24
N SER B 106 -26.33 10.59 -15.39
CA SER B 106 -24.98 11.11 -15.13
C SER B 106 -24.04 10.04 -14.60
N SER B 107 -24.52 9.30 -13.61
CA SER B 107 -23.72 8.27 -12.96
C SER B 107 -23.34 7.13 -13.93
N PRO B 108 -24.32 6.46 -14.57
CA PRO B 108 -23.95 5.43 -15.56
C PRO B 108 -23.02 5.95 -16.66
N PHE B 109 -23.25 7.17 -17.13
CA PHE B 109 -22.43 7.74 -18.20
C PHE B 109 -21.00 7.96 -17.74
N VAL B 110 -20.80 8.49 -16.54
CA VAL B 110 -19.45 8.66 -16.00
C VAL B 110 -18.67 7.34 -15.95
N PHE B 111 -19.33 6.30 -15.48
CA PHE B 111 -18.63 5.03 -15.38
C PHE B 111 -18.44 4.32 -16.71
N LYS B 112 -19.40 4.47 -17.61
CA LYS B 112 -19.11 4.17 -19.04
C LYS B 112 -17.84 4.85 -19.59
N LEU B 113 -17.68 6.17 -19.42
CA LEU B 113 -16.50 6.86 -19.90
C LEU B 113 -15.21 6.31 -19.29
N LEU B 114 -15.28 6.03 -17.99
CA LEU B 114 -14.10 5.61 -17.23
C LEU B 114 -13.66 4.19 -17.60
N LEU B 115 -14.60 3.36 -18.07
CA LEU B 115 -14.29 2.01 -18.54
C LEU B 115 -13.94 1.96 -20.05
N HIS B 116 -14.13 3.07 -20.74
CA HIS B 116 -13.95 3.12 -22.18
C HIS B 116 -12.47 2.95 -22.58
N ARG B 117 -12.21 2.16 -23.61
CA ARG B 117 -10.86 2.04 -24.16
C ARG B 117 -10.91 2.20 -25.70
N PRO B 118 -9.81 2.70 -26.32
CA PRO B 118 -8.61 3.26 -25.69
C PRO B 118 -8.91 4.51 -24.84
N PHE B 119 -7.98 4.85 -23.95
CA PHE B 119 -8.17 6.01 -23.08
C PHE B 119 -8.35 7.28 -23.89
N PHE B 120 -9.25 8.15 -23.44
CA PHE B 120 -9.34 9.52 -23.97
C PHE B 120 -8.48 10.45 -23.10
N ARG B 121 -8.31 11.69 -23.55
CA ARG B 121 -7.45 12.64 -22.85
C ARG B 121 -8.24 13.40 -21.78
N CYS B 122 -9.39 13.98 -22.14
CA CYS B 122 -10.27 14.61 -21.15
C CYS B 122 -11.72 14.72 -21.61
N ALA B 123 -12.62 14.79 -20.64
CA ALA B 123 -14.04 15.00 -20.86
C ALA B 123 -14.44 16.26 -20.10
N ILE B 124 -15.20 17.12 -20.77
CA ILE B 124 -15.76 18.32 -20.13
C ILE B 124 -17.26 18.09 -20.09
N LEU B 125 -17.82 17.94 -18.90
CA LEU B 125 -19.23 17.52 -18.77
C LEU B 125 -20.09 18.45 -17.94
N MET B 126 -21.39 18.53 -18.28
CA MET B 126 -22.35 19.34 -17.53
C MET B 126 -23.15 18.40 -16.65
N PHE B 127 -23.22 18.71 -15.35
CA PHE B 127 -23.95 17.92 -14.36
C PHE B 127 -24.80 18.84 -13.49
N GLN B 128 -25.82 18.27 -12.83
CA GLN B 128 -26.46 19.01 -11.72
C GLN B 128 -25.41 19.42 -10.70
N ARG B 129 -25.62 20.57 -10.06
CA ARG B 129 -24.69 21.07 -9.02
C ARG B 129 -24.31 20.03 -7.97
N GLU B 130 -25.30 19.38 -7.35
CA GLU B 130 -24.99 18.45 -6.26
C GLU B 130 -24.18 17.27 -6.75
N PHE B 131 -24.56 16.74 -7.91
CA PHE B 131 -23.82 15.64 -8.51
C PHE B 131 -22.36 16.03 -8.72
N ALA B 132 -22.13 17.20 -9.30
CA ALA B 132 -20.78 17.74 -9.51
C ALA B 132 -19.97 17.88 -8.22
N LEU B 133 -20.63 18.38 -7.17
CA LEU B 133 -19.94 18.60 -5.89
C LEU B 133 -19.55 17.26 -5.23
N ARG B 134 -20.38 16.25 -5.44
CA ARG B 134 -20.03 14.89 -5.01
C ARG B 134 -18.86 14.28 -5.76
N LEU B 135 -18.79 14.48 -7.09
CA LEU B 135 -17.63 13.98 -7.86
C LEU B 135 -16.31 14.51 -7.36
N VAL B 136 -16.29 15.79 -6.95
CA VAL B 136 -15.01 16.42 -6.62
C VAL B 136 -14.76 16.52 -5.14
N ALA B 137 -15.71 16.06 -4.33
CA ALA B 137 -15.59 16.14 -2.87
C ALA B 137 -14.34 15.41 -2.37
N LYS B 138 -13.71 15.97 -1.35
CA LYS B 138 -12.51 15.42 -0.71
C LYS B 138 -12.89 14.84 0.64
N PRO B 139 -12.09 13.89 1.15
CA PRO B 139 -12.39 13.35 2.49
C PRO B 139 -12.34 14.49 3.54
N GLY B 140 -13.21 14.57 4.56
CA GLY B 140 -14.61 14.45 4.50
C GLY B 140 -15.22 15.84 4.40
N ASP B 141 -15.40 16.29 3.15
CA ASP B 141 -16.34 17.33 2.82
C ASP B 141 -17.69 16.69 3.11
N LYS B 142 -18.70 17.52 3.31
CA LYS B 142 -20.05 17.05 3.63
C LYS B 142 -20.57 16.04 2.59
N LEU B 143 -20.26 16.32 1.32
CA LEU B 143 -20.77 15.54 0.21
C LEU B 143 -19.83 14.40 -0.23
N TYR B 144 -18.77 14.15 0.54
CA TYR B 144 -17.86 13.04 0.24
C TYR B 144 -18.57 11.69 0.36
N CYS B 145 -18.59 10.93 -0.72
CA CYS B 145 -19.46 9.76 -0.77
C CYS B 145 -18.91 8.68 -1.69
N ARG B 146 -19.61 7.56 -1.81
CA ARG B 146 -19.21 6.48 -2.74
C ARG B 146 -18.92 6.99 -4.15
N LEU B 147 -19.77 7.87 -4.67
CA LEU B 147 -19.51 8.44 -6.00
C LEU B 147 -18.14 9.17 -6.09
N SER B 148 -17.80 9.95 -5.05
CA SER B 148 -16.53 10.70 -5.01
C SER B 148 -15.37 9.74 -5.15
N ILE B 149 -15.32 8.76 -4.26
CA ILE B 149 -14.16 7.85 -4.22
C ILE B 149 -14.12 6.89 -5.43
N ASN B 150 -15.27 6.41 -5.87
CA ASN B 150 -15.25 5.54 -7.07
C ASN B 150 -14.78 6.27 -8.33
N THR B 151 -15.22 7.50 -8.51
CA THR B 151 -14.74 8.36 -9.61
C THR B 151 -13.27 8.72 -9.43
N GLN B 152 -12.88 9.10 -8.22
CA GLN B 152 -11.49 9.53 -8.03
C GLN B 152 -10.49 8.38 -8.14
N LEU B 153 -10.92 7.17 -7.82
CA LEU B 153 -10.07 5.97 -8.03
C LEU B 153 -9.55 5.95 -9.48
N LEU B 154 -10.43 6.28 -10.42
CA LEU B 154 -10.16 6.07 -11.85
C LEU B 154 -9.86 7.35 -12.62
N ALA B 155 -10.09 8.51 -12.01
CA ALA B 155 -9.89 9.75 -12.73
C ALA B 155 -9.43 10.91 -11.86
N ARG B 156 -8.82 11.89 -12.53
CA ARG B 156 -8.66 13.23 -11.96
C ARG B 156 -9.87 14.09 -12.32
N VAL B 157 -10.46 14.74 -11.31
CA VAL B 157 -11.71 15.49 -11.49
C VAL B 157 -11.55 16.93 -10.96
N ASP B 158 -12.01 17.93 -11.73
CA ASP B 158 -12.01 19.35 -11.26
C ASP B 158 -13.34 20.01 -11.58
N HIS B 159 -13.86 20.75 -10.61
CA HIS B 159 -15.02 21.58 -10.81
C HIS B 159 -14.55 22.84 -11.55
N LEU B 160 -15.19 23.14 -12.67
CA LEU B 160 -14.69 24.19 -13.55
C LEU B 160 -15.51 25.47 -13.49
N MET B 161 -16.83 25.36 -13.45
CA MET B 161 -17.68 26.55 -13.47
C MET B 161 -19.10 26.21 -13.04
N LYS B 162 -19.78 27.17 -12.40
CA LYS B 162 -21.19 27.04 -12.06
C LYS B 162 -22.03 27.48 -13.25
N VAL B 163 -23.17 26.82 -13.47
CA VAL B 163 -24.02 27.19 -14.60
C VAL B 163 -25.47 27.35 -14.17
N GLY B 164 -25.94 28.61 -14.14
CA GLY B 164 -27.29 28.92 -13.70
C GLY B 164 -28.31 28.37 -14.65
N LYS B 165 -29.48 27.99 -14.13
CA LYS B 165 -30.51 27.34 -14.92
C LYS B 165 -31.00 28.15 -16.13
N ASN B 166 -30.84 29.47 -16.05
CA ASN B 166 -31.32 30.40 -17.10
C ASN B 166 -30.58 30.28 -18.40
N ASN B 167 -29.40 29.64 -18.35
CA ASN B 167 -28.57 29.40 -19.53
C ASN B 167 -29.07 28.31 -20.45
N PHE B 168 -30.13 27.63 -20.02
CA PHE B 168 -30.73 26.52 -20.76
C PHE B 168 -32.14 26.85 -21.27
N ARG B 169 -32.53 26.27 -22.41
CA ARG B 169 -33.92 26.31 -22.88
C ARG B 169 -34.44 24.91 -23.21
N PRO B 170 -35.48 24.47 -22.49
CA PRO B 170 -36.04 25.17 -21.34
C PRO B 170 -35.12 24.96 -20.11
N PRO B 171 -35.28 25.79 -19.07
CA PRO B 171 -34.40 25.69 -17.89
C PRO B 171 -34.62 24.40 -17.09
N PRO B 172 -33.54 23.83 -16.50
CA PRO B 172 -33.76 22.75 -15.56
C PRO B 172 -34.27 23.33 -14.21
N LYS B 173 -34.63 22.47 -13.26
CA LYS B 173 -35.17 22.92 -11.99
C LYS B 173 -34.04 23.19 -10.99
N VAL B 174 -32.82 22.84 -11.38
CA VAL B 174 -31.65 22.89 -10.52
C VAL B 174 -30.54 23.69 -11.16
N GLU B 175 -29.58 24.12 -10.35
CA GLU B 175 -28.35 24.74 -10.85
C GLU B 175 -27.39 23.68 -11.37
N SER B 176 -26.47 24.09 -12.26
CA SER B 176 -25.60 23.12 -12.90
C SER B 176 -24.15 23.50 -12.71
N SER B 177 -23.26 22.56 -13.04
CA SER B 177 -21.82 22.78 -13.00
C SER B 177 -21.11 22.10 -14.17
N VAL B 178 -19.99 22.68 -14.58
CA VAL B 178 -19.13 22.06 -15.56
C VAL B 178 -17.97 21.42 -14.80
N VAL B 179 -17.75 20.14 -15.10
CA VAL B 179 -16.66 19.37 -14.49
C VAL B 179 -15.70 18.83 -15.57
N ARG B 180 -14.41 18.84 -15.28
CA ARG B 180 -13.45 18.14 -16.10
C ARG B 180 -13.13 16.75 -15.50
N ILE B 181 -13.12 15.74 -16.36
CA ILE B 181 -12.65 14.38 -15.99
C ILE B 181 -11.49 13.95 -16.88
N GLU B 182 -10.38 13.55 -16.26
CA GLU B 182 -9.25 13.01 -16.96
C GLU B 182 -8.95 11.61 -16.38
N PRO B 183 -9.15 10.55 -17.18
CA PRO B 183 -8.90 9.17 -16.71
C PRO B 183 -7.44 8.97 -16.31
N LYS B 184 -7.21 8.29 -15.17
CA LYS B 184 -5.87 7.91 -14.78
C LYS B 184 -5.39 6.80 -15.72
N ASN B 185 -4.22 7.02 -16.30
CA ASN B 185 -3.63 6.14 -17.28
C ASN B 185 -2.14 5.99 -16.95
N PRO B 186 -1.73 4.84 -16.40
CA PRO B 186 -2.53 3.65 -16.14
C PRO B 186 -3.47 3.80 -14.94
N PRO B 187 -4.55 3.01 -14.90
CA PRO B 187 -5.39 3.07 -13.73
C PRO B 187 -4.77 2.18 -12.63
N PRO B 188 -5.29 2.25 -11.40
CA PRO B 188 -4.85 1.25 -10.40
C PRO B 188 -5.26 -0.15 -10.80
N PRO B 189 -4.36 -1.13 -10.57
CA PRO B 189 -4.69 -2.51 -10.92
C PRO B 189 -5.57 -3.17 -9.86
N ILE B 190 -6.76 -2.63 -9.68
CA ILE B 190 -7.72 -3.06 -8.68
C ILE B 190 -8.97 -3.56 -9.38
N ASN B 191 -9.46 -4.75 -9.03
CA ASN B 191 -10.73 -5.17 -9.60
C ASN B 191 -11.85 -4.29 -9.04
N PHE B 192 -12.60 -3.64 -9.92
CA PHE B 192 -13.64 -2.72 -9.47
C PHE B 192 -14.77 -3.35 -8.65
N GLN B 193 -15.16 -4.60 -8.94
CA GLN B 193 -16.25 -5.23 -8.17
C GLN B 193 -15.83 -5.52 -6.74
N GLU B 194 -14.58 -5.92 -6.60
CA GLU B 194 -13.93 -6.13 -5.33
C GLU B 194 -13.89 -4.84 -4.50
N TRP B 195 -13.31 -3.81 -5.10
CA TRP B 195 -13.22 -2.46 -4.53
C TRP B 195 -14.59 -1.94 -4.13
N ASP B 196 -15.55 -1.94 -5.07
CA ASP B 196 -16.88 -1.41 -4.79
C ASP B 196 -17.59 -2.18 -3.66
N GLY B 197 -17.40 -3.50 -3.58
CA GLY B 197 -17.90 -4.27 -2.44
C GLY B 197 -17.51 -3.69 -1.08
N LEU B 198 -16.25 -3.28 -0.96
CA LEU B 198 -15.77 -2.68 0.27
C LEU B 198 -16.33 -1.24 0.45
N VAL B 199 -16.29 -0.47 -0.62
CA VAL B 199 -16.77 0.90 -0.62
C VAL B 199 -18.25 0.99 -0.24
N ARG B 200 -19.09 0.22 -0.93
CA ARG B 200 -20.52 0.21 -0.58
C ARG B 200 -20.75 -0.03 0.91
N ILE B 201 -20.14 -1.09 1.44
CA ILE B 201 -20.35 -1.48 2.85
C ILE B 201 -20.02 -0.37 3.83
N THR B 202 -18.85 0.24 3.64
CA THR B 202 -18.32 1.24 4.56
C THR B 202 -19.05 2.59 4.43
N PHE B 203 -19.56 2.91 3.22
CA PHE B 203 -20.28 4.15 2.99
C PHE B 203 -21.77 4.15 3.35
N VAL B 204 -22.36 3.00 3.71
CA VAL B 204 -23.75 3.02 4.19
C VAL B 204 -23.93 4.01 5.36
N ARG B 205 -23.09 3.90 6.39
CA ARG B 205 -23.04 4.86 7.47
C ARG B 205 -21.63 5.41 7.51
N LYS B 206 -21.39 6.42 6.67
CA LYS B 206 -20.04 6.94 6.48
C LYS B 206 -19.47 7.71 7.69
N ASN B 207 -20.34 8.12 8.60
CA ASN B 207 -19.92 8.78 9.82
C ASN B 207 -19.72 7.81 11.00
N LYS B 208 -20.04 6.54 10.82
CA LYS B 208 -19.75 5.55 11.86
C LYS B 208 -18.46 4.80 11.50
N THR B 209 -17.84 4.13 12.48
CA THR B 209 -16.55 3.52 12.29
C THR B 209 -16.63 2.28 11.41
N LEU B 210 -15.47 1.82 10.94
CA LEU B 210 -15.43 0.55 10.18
C LEU B 210 -15.82 -0.65 11.02
N SER B 211 -15.41 -0.69 12.28
CA SER B 211 -15.79 -1.84 13.07
C SER B 211 -17.30 -1.91 13.31
N ALA B 212 -17.98 -0.76 13.36
CA ALA B 212 -19.45 -0.78 13.41
C ALA B 212 -20.03 -1.22 12.06
N ALA B 213 -19.41 -0.80 10.96
CA ALA B 213 -19.90 -1.21 9.62
C ALA B 213 -19.81 -2.72 9.42
N PHE B 214 -18.73 -3.31 9.96
CA PHE B 214 -18.40 -4.72 9.74
C PHE B 214 -19.06 -5.64 10.74
N LYS B 215 -19.83 -5.07 11.67
CA LYS B 215 -20.47 -5.86 12.71
C LYS B 215 -21.87 -6.26 12.28
N SER B 216 -22.37 -5.69 11.18
CA SER B 216 -23.72 -6.01 10.70
C SER B 216 -23.83 -7.48 10.34
N SER B 217 -24.96 -8.10 10.70
CA SER B 217 -25.17 -9.52 10.42
C SER B 217 -24.88 -9.91 8.98
N ALA B 218 -25.46 -9.14 8.05
CA ALA B 218 -25.37 -9.43 6.63
C ALA B 218 -23.94 -9.35 6.13
N VAL B 219 -23.16 -8.42 6.71
CA VAL B 219 -21.78 -8.23 6.29
C VAL B 219 -20.95 -9.40 6.84
N GLN B 220 -21.16 -9.76 8.10
CA GLN B 220 -20.43 -10.91 8.64
C GLN B 220 -20.73 -12.17 7.86
N GLN B 221 -22.00 -12.34 7.48
CA GLN B 221 -22.41 -13.51 6.69
C GLN B 221 -21.76 -13.56 5.32
N LEU B 222 -21.74 -12.43 4.61
CA LEU B 222 -21.02 -12.30 3.36
C LEU B 222 -19.55 -12.70 3.49
N LEU B 223 -18.86 -12.12 4.47
CA LEU B 223 -17.43 -12.30 4.55
C LEU B 223 -17.05 -13.73 4.98
N GLU B 224 -17.87 -14.32 5.83
CA GLU B 224 -17.65 -15.71 6.26
C GLU B 224 -17.86 -16.65 5.07
N LYS B 225 -18.95 -16.45 4.35
CA LYS B 225 -19.22 -17.18 3.10
C LYS B 225 -18.03 -17.06 2.14
N ASN B 226 -17.47 -15.86 1.99
CA ASN B 226 -16.35 -15.72 1.06
C ASN B 226 -15.04 -16.29 1.56
N TYR B 227 -14.80 -16.21 2.86
CA TYR B 227 -13.63 -16.84 3.44
C TYR B 227 -13.76 -18.38 3.34
N ARG B 228 -14.95 -18.91 3.59
CA ARG B 228 -15.16 -20.37 3.39
C ARG B 228 -14.89 -20.81 1.94
N ILE B 229 -15.33 -19.99 0.99
CA ILE B 229 -15.02 -20.19 -0.43
C ILE B 229 -13.53 -20.15 -0.72
N HIS B 230 -12.82 -19.16 -0.18
CA HIS B 230 -11.37 -19.12 -0.36
C HIS B 230 -10.70 -20.36 0.22
N CYS B 231 -11.14 -20.77 1.40
CA CYS B 231 -10.56 -21.95 2.06
C CYS B 231 -10.90 -23.23 1.28
N SER B 232 -12.11 -23.34 0.71
CA SER B 232 -12.42 -24.47 -0.20
C SER B 232 -11.51 -24.51 -1.44
N VAL B 233 -11.17 -23.34 -1.98
CA VAL B 233 -10.31 -23.23 -3.13
C VAL B 233 -8.91 -23.75 -2.77
N HIS B 234 -8.38 -23.31 -1.62
CA HIS B 234 -7.00 -23.58 -1.24
C HIS B 234 -6.81 -24.76 -0.31
N ASN B 235 -7.88 -25.47 0.01
CA ASN B 235 -7.83 -26.62 0.92
C ASN B 235 -7.31 -26.25 2.32
N ILE B 236 -7.78 -25.13 2.85
CA ILE B 236 -7.41 -24.67 4.19
C ILE B 236 -8.52 -25.11 5.14
N ILE B 237 -8.17 -25.86 6.19
CA ILE B 237 -9.18 -26.34 7.13
C ILE B 237 -9.61 -25.22 8.10
N ILE B 238 -10.92 -25.10 8.30
CA ILE B 238 -11.44 -24.08 9.21
C ILE B 238 -11.87 -24.76 10.51
N PRO B 239 -11.25 -24.37 11.65
CA PRO B 239 -11.52 -25.02 12.94
C PRO B 239 -13.00 -24.90 13.28
N GLU B 240 -13.48 -25.79 14.14
CA GLU B 240 -14.91 -25.81 14.49
C GLU B 240 -15.41 -24.53 15.17
N ASP B 241 -14.53 -23.91 15.92
CA ASP B 241 -14.80 -22.74 16.73
C ASP B 241 -14.50 -21.42 15.99
N PHE B 242 -14.49 -21.47 14.65
CA PHE B 242 -14.16 -20.27 13.87
C PHE B 242 -15.12 -19.11 14.12
N SER B 243 -14.53 -17.93 14.30
CA SER B 243 -15.33 -16.72 14.50
C SER B 243 -14.95 -15.71 13.42
N ILE B 244 -15.92 -15.39 12.56
CA ILE B 244 -15.73 -14.37 11.52
C ILE B 244 -15.58 -12.98 12.17
N ALA B 245 -16.29 -12.78 13.28
CA ALA B 245 -16.27 -11.50 13.98
C ALA B 245 -14.86 -11.26 14.46
N ASP B 246 -14.23 -12.32 14.99
CA ASP B 246 -12.89 -12.18 15.53
C ASP B 246 -11.88 -11.99 14.42
N LYS B 247 -12.07 -12.70 13.32
CA LYS B 247 -11.16 -12.57 12.20
C LYS B 247 -11.24 -11.15 11.61
N ILE B 248 -12.45 -10.66 11.37
CA ILE B 248 -12.66 -9.24 10.92
C ILE B 248 -12.02 -8.21 11.87
N GLN B 249 -12.29 -8.33 13.17
CA GLN B 249 -11.65 -7.46 14.17
C GLN B 249 -10.12 -7.49 14.16
N GLN B 250 -9.51 -8.69 14.06
CA GLN B 250 -8.04 -8.78 13.98
C GLN B 250 -7.46 -8.02 12.76
N ILE B 251 -8.16 -8.12 11.63
CA ILE B 251 -7.72 -7.43 10.40
C ILE B 251 -7.85 -5.92 10.59
N LEU B 252 -8.93 -5.48 11.19
CA LEU B 252 -9.12 -4.03 11.43
C LEU B 252 -8.08 -3.53 12.42
N THR B 253 -7.81 -4.30 13.47
CA THR B 253 -6.76 -3.96 14.43
C THR B 253 -5.35 -3.97 13.83
N SER B 254 -5.03 -5.02 13.07
CA SER B 254 -3.73 -5.10 12.39
C SER B 254 -3.40 -3.92 11.48
N THR B 255 -4.41 -3.42 10.77
CA THR B 255 -4.24 -2.36 9.77
C THR B 255 -4.46 -0.98 10.34
N GLY B 256 -5.04 -0.89 11.54
CA GLY B 256 -5.26 0.37 12.23
C GLY B 256 -6.57 1.05 11.87
N PHE B 257 -7.52 0.28 11.33
CA PHE B 257 -8.76 0.84 10.76
C PHE B 257 -10.01 0.66 11.56
N SER B 258 -9.94 -0.01 12.72
CA SER B 258 -11.15 -0.26 13.52
C SER B 258 -11.97 1.01 13.75
N ASP B 259 -11.28 2.12 14.00
CA ASP B 259 -11.97 3.29 14.48
C ASP B 259 -12.01 4.40 13.46
N LYS B 260 -11.74 4.04 12.21
CA LYS B 260 -11.74 4.99 11.12
C LYS B 260 -13.12 4.98 10.48
N ARG B 261 -13.39 6.01 9.67
CA ARG B 261 -14.71 6.21 9.09
C ARG B 261 -14.53 6.49 7.60
N ALA B 262 -15.45 5.97 6.79
CA ALA B 262 -15.40 6.15 5.32
C ALA B 262 -15.36 7.63 4.88
N ARG B 263 -16.10 8.50 5.56
CA ARG B 263 -16.12 9.94 5.25
C ARG B 263 -14.76 10.63 5.28
N SER B 264 -13.76 10.06 5.93
CA SER B 264 -12.49 10.76 5.99
C SER B 264 -11.36 9.89 5.48
N MET B 265 -11.70 8.83 4.76
CA MET B 265 -10.71 7.91 4.21
C MET B 265 -10.46 8.22 2.75
N ASP B 266 -9.18 8.28 2.37
CA ASP B 266 -8.85 8.58 0.97
C ASP B 266 -8.68 7.29 0.17
N ILE B 267 -8.29 7.42 -1.09
CA ILE B 267 -8.12 6.22 -1.96
C ILE B 267 -7.07 5.28 -1.40
N ASP B 268 -5.92 5.80 -0.99
CA ASP B 268 -4.87 4.89 -0.52
C ASP B 268 -5.30 4.16 0.75
N ASP B 269 -6.08 4.83 1.60
CA ASP B 269 -6.69 4.18 2.79
C ASP B 269 -7.51 2.96 2.38
N PHE B 270 -8.41 3.14 1.41
CA PHE B 270 -9.22 2.00 0.93
C PHE B 270 -8.41 0.90 0.25
N ILE B 271 -7.39 1.28 -0.52
CA ILE B 271 -6.50 0.28 -1.14
C ILE B 271 -5.86 -0.58 -0.05
N ARG B 272 -5.37 0.08 1.00
CA ARG B 272 -4.70 -0.60 2.10
C ARG B 272 -5.65 -1.53 2.82
N LEU B 273 -6.84 -1.03 3.18
CA LEU B 273 -7.79 -1.85 3.86
C LEU B 273 -8.19 -3.05 3.00
N LEU B 274 -8.52 -2.82 1.73
CA LEU B 274 -8.87 -3.92 0.82
C LEU B 274 -7.76 -4.96 0.77
N HIS B 275 -6.51 -4.50 0.65
CA HIS B 275 -5.40 -5.44 0.61
C HIS B 275 -5.33 -6.29 1.88
N GLY B 276 -5.52 -5.62 3.04
CA GLY B 276 -5.49 -6.29 4.34
C GLY B 276 -6.52 -7.40 4.48
N PHE B 277 -7.72 -7.18 3.97
CA PHE B 277 -8.74 -8.26 3.92
C PHE B 277 -8.36 -9.34 2.91
N ASN B 278 -8.06 -8.91 1.68
CA ASN B 278 -7.80 -9.87 0.57
C ASN B 278 -6.64 -10.80 0.86
N ALA B 279 -5.59 -10.27 1.50
CA ALA B 279 -4.40 -11.07 1.86
C ALA B 279 -4.69 -12.10 2.96
N GLU B 280 -5.79 -11.90 3.67
CA GLU B 280 -6.25 -12.87 4.68
C GLU B 280 -7.32 -13.84 4.17
N GLY B 281 -7.59 -13.78 2.88
CA GLY B 281 -8.55 -14.67 2.24
C GLY B 281 -9.97 -14.15 2.16
N ILE B 282 -10.17 -12.89 2.51
CA ILE B 282 -11.52 -12.32 2.54
C ILE B 282 -11.70 -11.36 1.40
N HIS B 283 -12.71 -11.65 0.58
CA HIS B 283 -13.01 -10.89 -0.60
C HIS B 283 -14.44 -10.41 -0.51
N PHE B 284 -14.69 -9.32 -1.22
CA PHE B 284 -15.97 -8.67 -1.24
C PHE B 284 -16.71 -9.04 -2.54
N SER B 285 -16.09 -9.94 -3.32
CA SER B 285 -16.71 -10.50 -4.56
C SER B 285 -16.25 -11.94 -4.84
N SAM C . 13.51 -11.03 30.05
CA SAM C . 13.80 -9.78 29.28
C SAM C . 12.97 -9.82 27.98
O SAM C . 13.47 -10.04 26.87
OXT SAM C . 11.73 -9.65 28.02
CB SAM C . 15.33 -9.60 29.10
CG SAM C . 16.20 -9.36 30.36
SD SAM C . 17.56 -10.58 30.64
CE SAM C . 17.64 -10.92 32.40
C5' SAM C . 19.03 -9.59 30.37
C4' SAM C . 20.23 -10.53 30.41
O4' SAM C . 21.12 -10.19 29.37
C3' SAM C . 21.03 -10.38 31.70
O3' SAM C . 21.73 -11.61 31.91
C2' SAM C . 21.91 -9.21 31.31
O2' SAM C . 23.04 -8.96 32.13
C1' SAM C . 22.31 -9.60 29.89
N9 SAM C . 22.73 -8.52 29.00
C8 SAM C . 22.23 -7.24 28.93
N7 SAM C . 22.89 -6.58 27.94
C5 SAM C . 23.80 -7.42 27.37
C6 SAM C . 24.74 -7.27 26.34
N6 SAM C . 24.84 -6.11 25.71
N1 SAM C . 25.57 -8.34 25.99
C2 SAM C . 25.43 -9.54 26.65
N3 SAM C . 24.50 -9.70 27.68
C4 SAM C . 23.70 -8.66 28.04
N SAM D . -28.85 20.58 -19.81
CA SAM D . -29.55 19.31 -19.50
C SAM D . -29.06 18.72 -18.19
O SAM D . -29.67 17.76 -17.71
OXT SAM D . -28.08 19.19 -17.59
CB SAM D . -29.38 18.31 -20.64
CG SAM D . -30.71 17.79 -21.16
SD SAM D . -30.62 16.72 -22.61
CE SAM D . -29.70 15.33 -22.00
C5' SAM D . -29.39 17.33 -23.78
C4' SAM D . -29.29 16.34 -24.95
O4' SAM D . -29.00 14.97 -24.63
C3' SAM D . -30.57 16.31 -25.76
O3' SAM D . -30.12 16.53 -27.09
C2' SAM D . -31.12 14.90 -25.54
O2' SAM D . -31.94 14.41 -26.60
C1' SAM D . -29.83 14.11 -25.39
N9 SAM D . -29.95 12.80 -24.71
C8 SAM D . -30.75 12.47 -23.64
N7 SAM D . -30.53 11.17 -23.32
C5 SAM D . -29.58 10.67 -24.17
C6 SAM D . -28.97 9.43 -24.30
N6 SAM D . -29.29 8.40 -23.48
N1 SAM D . -28.03 9.25 -25.31
C2 SAM D . -27.67 10.27 -26.17
N3 SAM D . -28.27 11.49 -26.03
C4 SAM D . -29.21 11.70 -25.05
#